data_1YY2
#
_entry.id   1YY2
#
_entity_poly.entity_id   1
_entity_poly.type   'polypeptide(L)'
_entity_poly.pdbx_seq_one_letter_code
;(PCA)HWSY(DLE)LRP(NEH)
;
_entity_poly.pdbx_strand_id   A
#
# COMPACT_ATOMS: atom_id res chain seq x y z
N HIS A 2 7.76 2.02 2.03
CA HIS A 2 7.09 1.27 3.07
C HIS A 2 6.50 0.03 2.38
N TRP A 3 5.29 0.15 1.84
CA TRP A 3 4.56 -0.87 1.11
C TRP A 3 3.26 -0.23 0.61
N SER A 4 2.25 -1.04 0.31
CA SER A 4 0.95 -0.72 -0.27
C SER A 4 1.03 -0.83 -1.79
N TYR A 5 0.35 -1.83 -2.34
CA TYR A 5 0.29 -2.06 -3.78
C TYR A 5 -0.72 -1.13 -4.48
N LEU A 7 -3.55 -0.78 -3.21
CA LEU A 7 -4.78 -1.45 -2.84
C LEU A 7 -5.41 -0.77 -1.63
N ARG A 8 -4.58 -0.10 -0.81
CA ARG A 8 -4.95 0.41 0.49
C ARG A 8 -3.83 1.32 0.99
N PRO A 9 -4.15 2.39 1.72
CA PRO A 9 -3.19 3.31 2.27
C PRO A 9 -2.50 2.70 3.49
N HIS A 2 7.85 2.01 2.07
CA HIS A 2 7.13 1.20 3.04
C HIS A 2 6.57 0.00 2.29
N TRP A 3 5.36 0.13 1.74
CA TRP A 3 4.64 -0.89 0.97
C TRP A 3 3.35 -0.22 0.48
N SER A 4 2.31 -1.01 0.20
CA SER A 4 1.00 -0.65 -0.32
C SER A 4 1.03 -0.79 -1.84
N TYR A 5 0.36 -1.82 -2.35
CA TYR A 5 0.28 -2.05 -3.79
C TYR A 5 -0.74 -1.15 -4.49
N LEU A 7 -3.58 -0.78 -3.16
CA LEU A 7 -4.81 -1.48 -2.80
C LEU A 7 -5.42 -0.86 -1.53
N ARG A 8 -4.60 -0.17 -0.72
CA ARG A 8 -4.95 0.34 0.58
C ARG A 8 -3.89 1.33 1.02
N PRO A 9 -4.26 2.41 1.71
CA PRO A 9 -3.32 3.37 2.26
C PRO A 9 -2.64 2.75 3.48
N HIS A 2 7.74 2.19 2.08
CA HIS A 2 7.03 1.40 3.06
C HIS A 2 6.51 0.16 2.33
N TRP A 3 5.31 0.25 1.76
CA TRP A 3 4.66 -0.81 1.00
C TRP A 3 3.38 -0.20 0.41
N SER A 4 2.33 -1.02 0.22
CA SER A 4 1.01 -0.67 -0.29
C SER A 4 1.03 -0.74 -1.81
N TYR A 5 0.38 -1.77 -2.34
CA TYR A 5 0.30 -2.00 -3.78
C TYR A 5 -0.73 -1.12 -4.49
N LEU A 7 -3.59 -0.79 -3.19
CA LEU A 7 -4.81 -1.50 -2.84
C LEU A 7 -5.44 -0.91 -1.57
N ARG A 8 -4.63 -0.22 -0.76
CA ARG A 8 -5.00 0.31 0.55
C ARG A 8 -3.93 1.27 1.02
N PRO A 9 -4.29 2.32 1.74
CA PRO A 9 -3.35 3.30 2.27
C PRO A 9 -2.66 2.74 3.50
N HIS A 2 7.81 2.11 2.08
CA HIS A 2 7.09 1.35 3.08
C HIS A 2 6.52 0.12 2.37
N TRP A 3 5.31 0.25 1.82
CA TRP A 3 4.60 -0.78 1.08
C TRP A 3 3.30 -0.13 0.57
N SER A 4 2.28 -0.93 0.28
CA SER A 4 0.98 -0.59 -0.26
C SER A 4 1.03 -0.75 -1.78
N TYR A 5 0.35 -1.76 -2.30
CA TYR A 5 0.31 -2.03 -3.73
C TYR A 5 -0.71 -1.14 -4.46
N LEU A 7 -3.56 -0.77 -3.21
CA LEU A 7 -4.79 -1.46 -2.85
C LEU A 7 -5.41 -0.83 -1.61
N ARG A 8 -4.58 -0.17 -0.78
CA ARG A 8 -4.96 0.36 0.52
C ARG A 8 -3.87 1.30 1.01
N PRO A 9 -4.24 2.37 1.70
CA PRO A 9 -3.29 3.28 2.30
C PRO A 9 -2.67 2.62 3.53
N HIS A 2 7.82 2.18 1.96
CA HIS A 2 7.07 1.48 3.00
C HIS A 2 6.50 0.22 2.35
N TRP A 3 5.30 0.30 1.77
CA TRP A 3 4.62 -0.78 1.10
C TRP A 3 3.35 -0.18 0.47
N SER A 4 2.26 -0.95 0.38
CA SER A 4 0.98 -0.61 -0.19
C SER A 4 1.04 -0.68 -1.71
N TYR A 5 0.41 -1.71 -2.28
CA TYR A 5 0.38 -1.95 -3.72
C TYR A 5 -0.67 -1.08 -4.44
N LEU A 7 -3.53 -0.78 -3.19
CA LEU A 7 -4.75 -1.50 -2.88
C LEU A 7 -5.43 -0.90 -1.65
N ARG A 8 -4.66 -0.22 -0.80
CA ARG A 8 -5.09 0.34 0.47
C ARG A 8 -3.98 1.25 0.99
N PRO A 9 -4.32 2.32 1.70
CA PRO A 9 -3.35 3.25 2.26
C PRO A 9 -2.74 2.66 3.54
N HIS A 2 7.78 2.07 2.06
CA HIS A 2 7.10 1.27 3.04
C HIS A 2 6.53 0.05 2.30
N TRP A 3 5.32 0.17 1.76
CA TRP A 3 4.62 -0.85 1.00
C TRP A 3 3.32 -0.20 0.50
N SER A 4 2.30 -1.01 0.20
CA SER A 4 0.98 -0.66 -0.33
C SER A 4 1.02 -0.81 -1.84
N TYR A 5 0.33 -1.82 -2.36
CA TYR A 5 0.25 -2.07 -3.79
C TYR A 5 -0.78 -1.16 -4.49
N LEU A 7 -3.62 -0.78 -3.19
CA LEU A 7 -4.86 -1.47 -2.82
C LEU A 7 -5.46 -0.84 -1.57
N ARG A 8 -4.63 -0.17 -0.76
CA ARG A 8 -4.99 0.33 0.55
C ARG A 8 -3.88 1.27 1.03
N PRO A 9 -4.22 2.33 1.75
CA PRO A 9 -3.25 3.31 2.23
C PRO A 9 -2.50 2.79 3.46
N HIS A 2 7.84 1.97 2.09
CA HIS A 2 7.12 1.15 3.06
C HIS A 2 6.56 -0.04 2.31
N TRP A 3 5.36 0.09 1.74
CA TRP A 3 4.64 -0.93 0.98
C TRP A 3 3.35 -0.26 0.48
N SER A 4 2.32 -1.06 0.20
CA SER A 4 1.01 -0.69 -0.33
C SER A 4 1.02 -0.84 -1.84
N TYR A 5 0.32 -1.85 -2.35
CA TYR A 5 0.24 -2.11 -3.78
C TYR A 5 -0.78 -1.21 -4.49
N LEU A 7 -3.59 -0.75 -3.17
CA LEU A 7 -4.83 -1.42 -2.80
C LEU A 7 -5.43 -0.77 -1.55
N ARG A 8 -4.58 -0.11 -0.75
CA ARG A 8 -4.93 0.42 0.56
C ARG A 8 -3.81 1.35 1.02
N PRO A 9 -4.14 2.43 1.73
CA PRO A 9 -3.16 3.37 2.24
C PRO A 9 -2.46 2.79 3.47
N HIS A 2 7.82 2.15 2.02
CA HIS A 2 7.11 1.43 3.06
C HIS A 2 6.52 0.19 2.40
N TRP A 3 5.32 0.30 1.84
CA TRP A 3 4.60 -0.75 1.14
C TRP A 3 3.32 -0.11 0.59
N SER A 4 2.28 -0.91 0.36
CA SER A 4 0.98 -0.57 -0.22
C SER A 4 1.07 -0.69 -1.72
N TYR A 5 0.41 -1.70 -2.29
CA TYR A 5 0.40 -1.93 -3.72
C TYR A 5 -0.64 -1.05 -4.44
N LEU A 7 -3.51 -0.77 -3.21
CA LEU A 7 -4.73 -1.49 -2.90
C LEU A 7 -5.39 -0.90 -1.65
N ARG A 8 -4.60 -0.24 -0.79
CA ARG A 8 -5.02 0.25 0.51
C ARG A 8 -3.97 1.23 1.02
N PRO A 9 -4.39 2.28 1.72
CA PRO A 9 -3.48 3.24 2.31
C PRO A 9 -2.82 2.63 3.54
N HIS A 2 7.79 2.07 2.03
CA HIS A 2 7.10 1.30 3.04
C HIS A 2 6.53 0.07 2.32
N TRP A 3 5.33 0.19 1.75
CA TRP A 3 4.62 -0.85 1.02
C TRP A 3 3.34 -0.19 0.49
N SER A 4 2.30 -1.00 0.23
CA SER A 4 0.99 -0.64 -0.30
C SER A 4 1.02 -0.80 -1.81
N TYR A 5 0.31 -1.82 -2.32
CA TYR A 5 0.25 -2.08 -3.74
C TYR A 5 -0.76 -1.19 -4.46
N LEU A 7 -3.61 -0.78 -3.18
CA LEU A 7 -4.85 -1.45 -2.84
C LEU A 7 -5.46 -0.82 -1.59
N ARG A 8 -4.64 -0.16 -0.77
CA ARG A 8 -5.00 0.38 0.53
C ARG A 8 -3.88 1.30 1.01
N PRO A 9 -4.20 2.37 1.72
CA PRO A 9 -3.22 3.32 2.25
C PRO A 9 -2.52 2.74 3.48
N HIS A 2 7.77 2.05 2.11
CA HIS A 2 7.05 1.22 3.05
C HIS A 2 6.53 0.02 2.29
N TRP A 3 5.34 0.12 1.71
CA TRP A 3 4.67 -0.92 0.93
C TRP A 3 3.40 -0.30 0.38
N SER A 4 2.35 -1.11 0.15
CA SER A 4 1.01 -0.76 -0.32
C SER A 4 0.99 -0.81 -1.84
N TYR A 5 0.32 -1.83 -2.38
CA TYR A 5 0.23 -2.07 -3.82
C TYR A 5 -0.81 -1.16 -4.51
N LEU A 7 -3.62 -0.82 -3.17
CA LEU A 7 -4.85 -1.50 -2.78
C LEU A 7 -5.40 -0.85 -1.51
N ARG A 8 -4.56 -0.18 -0.73
CA ARG A 8 -4.90 0.39 0.55
C ARG A 8 -3.80 1.34 1.02
N PRO A 9 -4.16 2.42 1.71
CA PRO A 9 -3.21 3.40 2.19
C PRO A 9 -2.50 2.87 3.45
N HIS A 2 7.72 2.14 2.12
CA HIS A 2 7.04 1.31 3.09
C HIS A 2 6.51 0.10 2.33
N TRP A 3 5.31 0.20 1.78
CA TRP A 3 4.62 -0.81 0.99
C TRP A 3 3.32 -0.19 0.50
N SER A 4 2.33 -1.00 0.17
CA SER A 4 0.99 -0.68 -0.33
C SER A 4 1.00 -0.78 -1.84
N TYR A 5 0.33 -1.79 -2.38
CA TYR A 5 0.25 -2.02 -3.82
C TYR A 5 -0.80 -1.14 -4.51
N LEU A 7 -3.60 -0.83 -3.19
CA LEU A 7 -4.82 -1.52 -2.82
C LEU A 7 -5.41 -0.88 -1.56
N ARG A 8 -4.57 -0.21 -0.76
CA ARG A 8 -4.92 0.33 0.52
C ARG A 8 -3.82 1.27 1.02
N PRO A 9 -4.18 2.33 1.73
CA PRO A 9 -3.24 3.33 2.20
C PRO A 9 -2.48 2.82 3.45
N HIS A 2 7.73 2.11 2.03
CA HIS A 2 7.03 1.32 3.03
C HIS A 2 6.49 0.09 2.31
N TRP A 3 5.30 0.18 1.73
CA TRP A 3 4.63 -0.89 0.99
C TRP A 3 3.36 -0.28 0.39
N SER A 4 2.29 -1.06 0.24
CA SER A 4 0.98 -0.71 -0.30
C SER A 4 1.00 -0.81 -1.81
N TYR A 5 0.33 -1.84 -2.34
CA TYR A 5 0.24 -2.12 -3.76
C TYR A 5 -0.78 -1.21 -4.48
N LEU A 7 -3.60 -0.80 -3.19
CA LEU A 7 -4.84 -1.45 -2.80
C LEU A 7 -5.43 -0.76 -1.57
N ARG A 8 -4.59 -0.12 -0.77
CA ARG A 8 -4.96 0.47 0.51
C ARG A 8 -3.82 1.35 1.00
N PRO A 9 -4.13 2.44 1.69
CA PRO A 9 -3.15 3.32 2.28
C PRO A 9 -2.56 2.66 3.52
N HIS A 2 7.81 1.99 2.15
CA HIS A 2 7.09 1.15 3.09
C HIS A 2 6.56 -0.05 2.30
N TRP A 3 5.36 0.08 1.73
CA TRP A 3 4.67 -0.92 0.93
C TRP A 3 3.38 -0.27 0.43
N SER A 4 2.36 -1.07 0.12
CA SER A 4 1.03 -0.71 -0.37
C SER A 4 1.01 -0.86 -1.88
N TYR A 5 0.29 -1.85 -2.38
CA TYR A 5 0.20 -2.12 -3.81
C TYR A 5 -0.82 -1.21 -4.50
N LEU A 7 -3.63 -0.81 -3.17
CA LEU A 7 -4.86 -1.47 -2.78
C LEU A 7 -5.41 -0.80 -1.52
N ARG A 8 -4.55 -0.14 -0.74
CA ARG A 8 -4.88 0.45 0.54
C ARG A 8 -3.76 1.36 1.01
N PRO A 9 -4.08 2.44 1.71
CA PRO A 9 -3.12 3.39 2.22
C PRO A 9 -2.42 2.82 3.45
N HIS A 2 7.83 2.09 2.02
CA HIS A 2 7.10 1.34 3.02
C HIS A 2 6.52 0.11 2.33
N TRP A 3 5.32 0.23 1.76
CA TRP A 3 4.61 -0.82 1.03
C TRP A 3 3.31 -0.17 0.51
N SER A 4 2.28 -0.98 0.25
CA SER A 4 0.97 -0.63 -0.27
C SER A 4 0.99 -0.84 -1.78
N TYR A 5 0.28 -1.86 -2.24
CA TYR A 5 0.21 -2.19 -3.67
C TYR A 5 -0.79 -1.30 -4.43
N LEU A 7 -3.63 -0.76 -3.20
CA LEU A 7 -4.88 -1.39 -2.83
C LEU A 7 -5.50 -0.64 -1.63
N ARG A 8 -4.65 -0.02 -0.80
CA ARG A 8 -5.01 0.65 0.43
C ARG A 8 -3.79 1.39 0.96
N PRO A 9 -3.96 2.51 1.64
CA PRO A 9 -2.87 3.27 2.23
C PRO A 9 -2.40 2.58 3.52
N HIS A 2 7.96 1.91 1.96
CA HIS A 2 7.20 1.25 3.01
C HIS A 2 6.60 0.00 2.39
N TRP A 3 5.40 0.12 1.79
CA TRP A 3 4.67 -0.95 1.14
C TRP A 3 3.42 -0.30 0.51
N SER A 4 2.34 -1.06 0.34
CA SER A 4 1.05 -0.66 -0.20
C SER A 4 1.09 -0.71 -1.72
N TYR A 5 0.42 -1.71 -2.30
CA TYR A 5 0.41 -1.90 -3.74
C TYR A 5 -0.63 -1.00 -4.45
N LEU A 7 -3.50 -0.76 -3.22
CA LEU A 7 -4.73 -1.49 -2.92
C LEU A 7 -5.38 -0.90 -1.67
N ARG A 8 -4.60 -0.23 -0.82
CA ARG A 8 -5.03 0.28 0.47
C ARG A 8 -3.99 1.24 1.03
N PRO A 9 -4.42 2.27 1.75
CA PRO A 9 -3.56 3.32 2.27
C PRO A 9 -2.83 2.84 3.53
N HIS A 2 7.69 2.32 2.13
CA HIS A 2 7.02 1.50 3.13
C HIS A 2 6.49 0.26 2.41
N TRP A 3 5.29 0.36 1.84
CA TRP A 3 4.62 -0.68 1.08
C TRP A 3 3.32 -0.06 0.56
N SER A 4 2.32 -0.90 0.26
CA SER A 4 0.99 -0.58 -0.27
C SER A 4 1.00 -0.76 -1.77
N TYR A 5 0.31 -1.78 -2.27
CA TYR A 5 0.25 -2.09 -3.70
C TYR A 5 -0.79 -1.23 -4.45
N LEU A 7 -3.61 -0.81 -3.24
CA LEU A 7 -4.84 -1.46 -2.84
C LEU A 7 -5.47 -0.74 -1.65
N ARG A 8 -4.63 -0.12 -0.81
CA ARG A 8 -5.02 0.51 0.44
C ARG A 8 -3.83 1.30 0.97
N PRO A 9 -4.06 2.41 1.66
CA PRO A 9 -3.02 3.22 2.26
C PRO A 9 -2.51 2.55 3.54
N HIS A 2 7.91 1.94 1.92
CA HIS A 2 7.19 1.27 2.99
C HIS A 2 6.56 0.02 2.37
N TRP A 3 5.36 0.14 1.80
CA TRP A 3 4.61 -0.92 1.14
C TRP A 3 3.35 -0.27 0.56
N SER A 4 2.29 -1.05 0.36
CA SER A 4 1.00 -0.66 -0.21
C SER A 4 1.07 -0.74 -1.72
N TYR A 5 0.42 -1.74 -2.30
CA TYR A 5 0.38 -1.94 -3.74
C TYR A 5 -0.64 -1.02 -4.44
N LEU A 7 -3.51 -0.79 -3.21
CA LEU A 7 -4.73 -1.50 -2.90
C LEU A 7 -5.38 -0.89 -1.67
N ARG A 8 -4.59 -0.21 -0.82
CA ARG A 8 -5.02 0.33 0.45
C ARG A 8 -3.96 1.26 1.00
N PRO A 9 -4.35 2.32 1.72
CA PRO A 9 -3.44 3.31 2.26
C PRO A 9 -2.76 2.78 3.53
N HIS A 2 7.82 2.14 1.93
CA HIS A 2 7.10 1.46 2.98
C HIS A 2 6.50 0.19 2.37
N TRP A 3 5.29 0.28 1.82
CA TRP A 3 4.57 -0.79 1.16
C TRP A 3 3.29 -0.16 0.59
N SER A 4 2.24 -0.96 0.42
CA SER A 4 0.94 -0.61 -0.16
C SER A 4 1.01 -0.68 -1.68
N TYR A 5 0.40 -1.70 -2.27
CA TYR A 5 0.40 -1.90 -3.71
C TYR A 5 -0.63 -1.04 -4.45
N LEU A 7 -3.52 -0.77 -3.25
CA LEU A 7 -4.74 -1.49 -2.93
C LEU A 7 -5.40 -0.89 -1.69
N ARG A 8 -4.61 -0.25 -0.83
CA ARG A 8 -5.03 0.24 0.47
C ARG A 8 -3.97 1.19 1.01
N PRO A 9 -4.37 2.24 1.74
CA PRO A 9 -3.45 3.22 2.28
C PRO A 9 -2.76 2.69 3.54
N HIS A 2 7.92 1.90 1.99
CA HIS A 2 7.21 1.21 3.06
C HIS A 2 6.60 -0.05 2.45
N TRP A 3 5.43 0.09 1.82
CA TRP A 3 4.66 -0.97 1.18
C TRP A 3 3.39 -0.30 0.60
N SER A 4 2.33 -1.07 0.38
CA SER A 4 1.05 -0.68 -0.20
C SER A 4 1.10 -0.84 -1.70
N TYR A 5 0.37 -1.81 -2.23
CA TYR A 5 0.32 -2.10 -3.67
C TYR A 5 -0.67 -1.18 -4.40
N LEU A 7 -3.50 -0.68 -3.21
CA LEU A 7 -4.76 -1.32 -2.88
C LEU A 7 -5.41 -0.62 -1.69
N ARG A 8 -4.59 -0.04 -0.81
CA ARG A 8 -5.02 0.59 0.43
C ARG A 8 -3.86 1.41 0.98
N PRO A 9 -4.15 2.51 1.67
CA PRO A 9 -3.15 3.31 2.35
C PRO A 9 -2.69 2.56 3.59
N HIS A 2 7.86 2.03 1.87
CA HIS A 2 7.15 1.37 2.94
C HIS A 2 6.55 0.09 2.36
N TRP A 3 5.37 0.17 1.75
CA TRP A 3 4.66 -0.94 1.13
C TRP A 3 3.42 -0.35 0.44
N SER A 4 2.30 -1.07 0.43
CA SER A 4 1.02 -0.69 -0.14
C SER A 4 1.06 -0.71 -1.66
N TYR A 5 0.44 -1.75 -2.24
CA TYR A 5 0.39 -1.98 -3.68
C TYR A 5 -0.63 -1.10 -4.41
N LEU A 7 -3.50 -0.77 -3.21
CA LEU A 7 -4.73 -1.46 -2.90
C LEU A 7 -5.42 -0.79 -1.71
N ARG A 8 -4.65 -0.12 -0.85
CA ARG A 8 -5.09 0.50 0.38
C ARG A 8 -3.96 1.32 0.98
N PRO A 9 -4.30 2.40 1.69
CA PRO A 9 -3.33 3.29 2.29
C PRO A 9 -2.79 2.67 3.59
N HIS A 2 7.83 1.93 2.03
CA HIS A 2 7.14 1.17 3.06
C HIS A 2 6.56 -0.07 2.40
N TRP A 3 5.39 0.06 1.78
CA TRP A 3 4.64 -0.99 1.08
C TRP A 3 3.38 -0.32 0.51
N SER A 4 2.30 -1.07 0.35
CA SER A 4 1.01 -0.68 -0.22
C SER A 4 1.05 -0.86 -1.72
N TYR A 5 0.35 -1.87 -2.22
CA TYR A 5 0.27 -2.17 -3.66
C TYR A 5 -0.70 -1.25 -4.40
N LEU A 7 -3.53 -0.71 -3.21
CA LEU A 7 -4.82 -1.31 -2.85
C LEU A 7 -5.42 -0.56 -1.66
N ARG A 8 -4.57 0.07 -0.85
CA ARG A 8 -4.93 0.73 0.39
C ARG A 8 -3.72 1.45 0.95
N PRO A 9 -3.90 2.57 1.64
CA PRO A 9 -2.82 3.31 2.28
C PRO A 9 -2.39 2.60 3.56
#